data_9L61
#
_entry.id   9L61
#
_cell.length_a   35.370
_cell.length_b   41.630
_cell.length_c   45.390
_cell.angle_alpha   97.04
_cell.angle_beta   112.86
_cell.angle_gamma   105.48
#
_symmetry.space_group_name_H-M   'P 1'
#
loop_
_entity.id
_entity.type
_entity.pdbx_description
1 polymer 'Bromodomain-containing protein 2'
2 non-polymer N-[4-(2,4-difluorophenoxy)-3-(6-methyl-7-oxo-6,7-dihydro-1H-pyrrolo[2,3-c]pyridin-4-yl)phenyl]ethanesulfonamide
3 water water
#
_entity_poly.entity_id   1
_entity_poly.type   'polypeptide(L)'
_entity_poly.pdbx_seq_one_letter_code
;MGSSHHHHHHSSGLVPRGSHSEQLKHCNGILKELLSKKHAAYAWPFYKPVDASALGLHDYHDIIKHPMDLSTVKRKMENR
DYRDAQEFAADVRLMFSNCYKYNPPDHDVVAMARKLQDVFEFRYAKMPD
;
_entity_poly.pdbx_strand_id   A,B
#
# COMPACT_ATOMS: atom_id res chain seq x y z
N GLY A 18 -1.05 0.03 20.54
CA GLY A 18 0.38 0.24 20.80
C GLY A 18 1.00 -0.93 21.56
N SER A 19 0.65 -2.16 21.13
CA SER A 19 1.21 -3.39 21.66
C SER A 19 1.08 -4.51 20.61
N HIS A 20 1.73 -5.65 20.86
CA HIS A 20 1.70 -6.76 19.91
C HIS A 20 0.37 -7.50 19.97
N SER A 21 -0.03 -7.92 21.17
CA SER A 21 -1.23 -8.73 21.33
C SER A 21 -2.49 -7.96 20.93
N GLU A 22 -2.50 -6.63 21.13
CA GLU A 22 -3.66 -5.82 20.80
C GLU A 22 -3.55 -5.23 19.38
N GLN A 23 -2.34 -5.10 18.87
CA GLN A 23 -2.13 -4.80 17.46
C GLN A 23 -2.52 -5.98 16.57
N LEU A 24 -2.18 -7.22 16.98
CA LEU A 24 -2.55 -8.40 16.21
C LEU A 24 -4.07 -8.59 16.24
N LYS A 25 -4.69 -8.24 17.37
CA LYS A 25 -6.14 -8.11 17.47
C LYS A 25 -6.63 -7.15 16.40
N HIS A 26 -6.01 -5.98 16.29
CA HIS A 26 -6.41 -5.02 15.27
C HIS A 26 -6.32 -5.63 13.86
N CYS A 27 -5.31 -6.47 13.59
CA CYS A 27 -5.09 -6.99 12.24
C CYS A 27 -6.12 -8.07 11.93
N ASN A 28 -6.50 -8.82 12.96
CA ASN A 28 -7.59 -9.78 12.91
C ASN A 28 -8.87 -9.05 12.52
N GLY A 29 -9.07 -7.88 13.14
CA GLY A 29 -10.16 -7.01 12.79
C GLY A 29 -10.14 -6.62 11.31
N ILE A 30 -8.93 -6.34 10.79
CA ILE A 30 -8.82 -5.93 9.39
C ILE A 30 -9.20 -7.11 8.50
N LEU A 31 -8.74 -8.32 8.87
CA LEU A 31 -8.94 -9.56 8.14
C LEU A 31 -10.44 -9.84 8.01
N LYS A 32 -11.14 -9.80 9.13
CA LYS A 32 -12.57 -10.05 9.15
C LYS A 32 -13.26 -9.04 8.21
N GLU A 33 -12.88 -7.76 8.29
CA GLU A 33 -13.55 -6.77 7.45
C GLU A 33 -13.35 -7.11 5.97
N LEU A 34 -12.09 -7.35 5.56
CA LEU A 34 -11.77 -7.69 4.17
C LEU A 34 -12.54 -8.93 3.70
N LEU A 35 -12.94 -9.83 4.62
CA LEU A 35 -13.67 -11.04 4.28
C LEU A 35 -15.16 -10.91 4.46
N SER A 36 -15.68 -9.75 4.88
CA SER A 36 -17.10 -9.64 5.19
C SER A 36 -17.91 -9.46 3.91
N LYS A 37 -19.24 -9.63 4.02
CA LYS A 37 -20.13 -9.62 2.86
C LYS A 37 -20.15 -8.23 2.20
N LYS A 38 -19.84 -7.21 2.99
CA LYS A 38 -19.74 -5.80 2.61
C LYS A 38 -18.84 -5.65 1.37
N HIS A 39 -17.67 -6.29 1.40
CA HIS A 39 -16.65 -6.14 0.37
C HIS A 39 -16.63 -7.30 -0.65
N ALA A 40 -17.72 -8.08 -0.75
CA ALA A 40 -17.72 -9.33 -1.53
C ALA A 40 -17.56 -9.12 -3.04
N ALA A 41 -18.10 -8.03 -3.59
CA ALA A 41 -18.21 -7.81 -5.03
C ALA A 41 -16.86 -7.43 -5.65
N TYR A 42 -15.88 -7.06 -4.81
CA TYR A 42 -14.53 -6.86 -5.31
C TYR A 42 -13.54 -7.81 -4.63
N ALA A 43 -13.89 -8.33 -3.45
CA ALA A 43 -12.90 -9.08 -2.67
C ALA A 43 -12.75 -10.50 -3.19
N TRP A 44 -13.76 -10.99 -3.94
CA TRP A 44 -13.92 -12.41 -4.17
C TRP A 44 -12.75 -13.07 -4.89
N PRO A 45 -11.96 -12.36 -5.77
CA PRO A 45 -10.80 -12.99 -6.41
C PRO A 45 -9.63 -13.31 -5.47
N PHE A 46 -9.75 -12.92 -4.19
CA PHE A 46 -8.62 -12.99 -3.25
C PHE A 46 -8.93 -13.95 -2.09
N TYR A 47 -10.13 -14.54 -2.11
CA TYR A 47 -10.59 -15.44 -1.07
C TYR A 47 -9.72 -16.70 -1.06
N LYS A 48 -9.24 -17.10 -2.23
CA LYS A 48 -8.53 -18.35 -2.38
C LYS A 48 -7.29 -18.16 -3.25
N PRO A 49 -6.33 -19.11 -3.18
CA PRO A 49 -5.11 -19.05 -3.98
C PRO A 49 -5.43 -19.01 -5.46
N VAL A 50 -4.81 -18.08 -6.19
CA VAL A 50 -4.97 -17.94 -7.62
C VAL A 50 -4.70 -19.28 -8.27
N ASP A 51 -5.73 -19.81 -8.96
CA ASP A 51 -5.68 -21.07 -9.69
C ASP A 51 -5.30 -20.76 -11.14
N ALA A 52 -3.98 -20.74 -11.39
CA ALA A 52 -3.42 -20.31 -12.66
C ALA A 52 -3.83 -21.24 -13.81
N SER A 53 -3.80 -22.56 -13.55
CA SER A 53 -4.30 -23.55 -14.50
C SER A 53 -5.71 -23.17 -14.90
N ALA A 54 -6.63 -23.17 -13.92
CA ALA A 54 -8.06 -23.06 -14.21
C ALA A 54 -8.38 -21.81 -15.01
N LEU A 55 -7.68 -20.70 -14.71
CA LEU A 55 -7.97 -19.40 -15.26
C LEU A 55 -7.15 -19.11 -16.52
N GLY A 56 -6.20 -20.00 -16.84
CA GLY A 56 -5.37 -19.81 -18.01
C GLY A 56 -4.43 -18.61 -17.88
N LEU A 57 -3.79 -18.49 -16.70
CA LEU A 57 -2.82 -17.44 -16.48
C LEU A 57 -1.43 -17.98 -16.83
N HIS A 58 -1.00 -17.66 -18.06
CA HIS A 58 0.25 -18.14 -18.62
C HIS A 58 1.43 -17.59 -17.80
N ASP A 59 2.30 -18.49 -17.33
CA ASP A 59 3.56 -18.15 -16.68
C ASP A 59 3.32 -17.51 -15.32
N TYR A 60 2.10 -17.63 -14.79
CA TYR A 60 1.77 -17.02 -13.50
C TYR A 60 2.80 -17.41 -12.44
N HIS A 61 3.32 -18.65 -12.49
CA HIS A 61 4.19 -19.12 -11.41
C HIS A 61 5.66 -18.75 -11.63
N ASP A 62 5.98 -18.22 -12.81
CA ASP A 62 7.32 -17.71 -13.07
C ASP A 62 7.38 -16.25 -12.67
N ILE A 63 6.38 -15.49 -13.15
CA ILE A 63 6.28 -14.06 -12.91
C ILE A 63 6.09 -13.78 -11.42
N ILE A 64 5.36 -14.67 -10.72
CA ILE A 64 4.94 -14.41 -9.35
C ILE A 64 5.65 -15.34 -8.38
N LYS A 65 6.63 -14.77 -7.65
CA LYS A 65 7.52 -15.57 -6.83
C LYS A 65 6.77 -16.16 -5.64
N HIS A 66 6.06 -15.31 -4.90
CA HIS A 66 5.34 -15.71 -3.69
C HIS A 66 3.86 -15.44 -3.89
N PRO A 67 3.01 -16.48 -4.10
CA PRO A 67 1.56 -16.28 -4.18
C PRO A 67 1.10 -15.92 -2.77
N MET A 68 -0.04 -15.23 -2.69
CA MET A 68 -0.61 -14.92 -1.40
C MET A 68 -2.07 -14.57 -1.65
N ASP A 69 -2.91 -15.00 -0.72
CA ASP A 69 -4.32 -14.68 -0.77
C ASP A 69 -4.81 -14.58 0.66
N LEU A 70 -6.08 -14.21 0.83
CA LEU A 70 -6.61 -13.94 2.16
C LEU A 70 -6.78 -15.24 2.95
N SER A 71 -6.99 -16.37 2.26
CA SER A 71 -7.14 -17.63 2.96
C SER A 71 -5.82 -18.02 3.62
N THR A 72 -4.71 -17.83 2.91
CA THR A 72 -3.39 -18.04 3.47
C THR A 72 -3.20 -17.14 4.69
N VAL A 73 -3.46 -15.84 4.50
CA VAL A 73 -3.40 -14.85 5.58
C VAL A 73 -4.28 -15.31 6.77
N LYS A 74 -5.49 -15.81 6.49
CA LYS A 74 -6.39 -16.23 7.55
C LYS A 74 -5.75 -17.36 8.36
N ARG A 75 -5.13 -18.32 7.66
CA ARG A 75 -4.51 -19.47 8.30
C ARG A 75 -3.37 -19.09 9.23
N LYS A 76 -2.47 -18.21 8.77
CA LYS A 76 -1.31 -17.79 9.57
C LYS A 76 -1.80 -16.97 10.76
N MET A 77 -2.91 -16.24 10.58
CA MET A 77 -3.57 -15.50 11.64
C MET A 77 -4.13 -16.47 12.69
N GLU A 78 -4.85 -17.51 12.26
CA GLU A 78 -5.46 -18.41 13.22
C GLU A 78 -4.41 -19.27 13.94
N ASN A 79 -3.36 -19.66 13.22
CA ASN A 79 -2.30 -20.47 13.83
C ASN A 79 -1.33 -19.58 14.56
N ARG A 80 -1.55 -18.26 14.48
CA ARG A 80 -0.81 -17.29 15.26
C ARG A 80 0.64 -17.19 14.73
N ASP A 81 0.79 -17.28 13.40
CA ASP A 81 2.11 -17.31 12.79
C ASP A 81 2.65 -15.89 12.54
N TYR A 82 1.79 -14.87 12.68
CA TYR A 82 2.24 -13.49 12.55
C TYR A 82 2.87 -13.05 13.85
N ARG A 83 4.15 -12.64 13.80
CA ARG A 83 4.89 -12.23 14.99
C ARG A 83 4.57 -10.77 15.33
N ASP A 84 4.22 -9.97 14.33
CA ASP A 84 3.78 -8.60 14.54
C ASP A 84 2.88 -8.17 13.39
N ALA A 85 2.47 -6.89 13.43
CA ALA A 85 1.54 -6.30 12.48
C ALA A 85 2.20 -6.03 11.13
N GLN A 86 3.47 -5.62 11.14
CA GLN A 86 4.14 -5.24 9.90
C GLN A 86 4.14 -6.43 8.94
N GLU A 87 4.13 -7.64 9.53
CA GLU A 87 4.23 -8.91 8.83
C GLU A 87 2.91 -9.25 8.15
N PHE A 88 1.80 -9.14 8.89
CA PHE A 88 0.46 -9.15 8.34
C PHE A 88 0.43 -8.24 7.12
N ALA A 89 0.99 -7.03 7.27
CA ALA A 89 0.83 -5.98 6.28
C ALA A 89 1.51 -6.41 4.98
N ALA A 90 2.70 -6.98 5.13
CA ALA A 90 3.54 -7.34 3.99
C ALA A 90 2.88 -8.42 3.13
N ASP A 91 2.20 -9.39 3.78
CA ASP A 91 1.42 -10.45 3.15
C ASP A 91 0.21 -9.87 2.40
N VAL A 92 -0.53 -8.95 3.06
CA VAL A 92 -1.68 -8.34 2.40
C VAL A 92 -1.23 -7.57 1.15
N ARG A 93 -0.14 -6.79 1.28
CA ARG A 93 0.35 -5.95 0.19
C ARG A 93 0.97 -6.83 -0.87
N LEU A 94 1.65 -7.90 -0.42
CA LEU A 94 2.15 -8.88 -1.36
C LEU A 94 1.01 -9.40 -2.24
N MET A 95 -0.17 -9.62 -1.64
CA MET A 95 -1.28 -10.21 -2.36
C MET A 95 -1.73 -9.25 -3.47
N PHE A 96 -1.88 -7.96 -3.12
CA PHE A 96 -2.25 -6.95 -4.11
C PHE A 96 -1.16 -6.77 -5.17
N SER A 97 0.10 -6.56 -4.74
CA SER A 97 1.24 -6.45 -5.65
C SER A 97 1.29 -7.63 -6.63
N ASN A 98 0.96 -8.83 -6.15
CA ASN A 98 0.94 -9.99 -7.03
C ASN A 98 0.01 -9.69 -8.20
N CYS A 99 -1.11 -9.04 -7.87
CA CYS A 99 -2.19 -8.85 -8.81
C CYS A 99 -1.76 -7.76 -9.79
N TYR A 100 -1.11 -6.71 -9.27
CA TYR A 100 -0.77 -5.56 -10.08
C TYR A 100 0.38 -5.90 -11.02
N LYS A 101 1.38 -6.62 -10.49
CA LYS A 101 2.51 -7.11 -11.27
C LYS A 101 1.99 -7.91 -12.47
N TYR A 102 1.13 -8.91 -12.22
CA TYR A 102 0.81 -9.85 -13.27
C TYR A 102 -0.13 -9.24 -14.31
N ASN A 103 -1.01 -8.34 -13.88
CA ASN A 103 -2.13 -7.98 -14.74
C ASN A 103 -1.87 -6.68 -15.49
N PRO A 104 -2.43 -6.54 -16.71
CA PRO A 104 -2.49 -5.25 -17.40
C PRO A 104 -3.29 -4.21 -16.62
N PRO A 105 -2.87 -2.92 -16.64
CA PRO A 105 -3.59 -1.87 -15.90
C PRO A 105 -5.09 -1.74 -16.15
N ASP A 106 -5.56 -2.20 -17.32
CA ASP A 106 -6.97 -2.03 -17.63
C ASP A 106 -7.72 -3.30 -17.26
N HIS A 107 -7.12 -4.14 -16.41
CA HIS A 107 -7.75 -5.41 -16.08
C HIS A 107 -8.76 -5.21 -14.95
N ASP A 108 -9.92 -5.86 -15.09
CA ASP A 108 -11.03 -5.80 -14.15
C ASP A 108 -10.58 -6.08 -12.72
N VAL A 109 -9.76 -7.12 -12.56
CA VAL A 109 -9.32 -7.62 -11.27
C VAL A 109 -8.41 -6.56 -10.64
N VAL A 110 -7.67 -5.84 -11.49
CA VAL A 110 -6.79 -4.78 -11.03
C VAL A 110 -7.62 -3.70 -10.35
N ALA A 111 -8.78 -3.35 -10.93
CA ALA A 111 -9.63 -2.34 -10.32
C ALA A 111 -10.13 -2.82 -8.94
N MET A 112 -10.34 -4.14 -8.83
CA MET A 112 -10.90 -4.79 -7.66
C MET A 112 -9.88 -4.85 -6.52
N ALA A 113 -8.62 -5.12 -6.89
CA ALA A 113 -7.49 -5.10 -5.97
C ALA A 113 -7.41 -3.74 -5.29
N ARG A 114 -7.47 -2.67 -6.12
CA ARG A 114 -7.43 -1.29 -5.67
C ARG A 114 -8.52 -1.01 -4.65
N LYS A 115 -9.76 -1.41 -4.96
CA LYS A 115 -10.88 -1.08 -4.09
C LYS A 115 -10.74 -1.81 -2.75
N LEU A 116 -10.24 -3.05 -2.77
CA LEU A 116 -9.99 -3.79 -1.54
C LEU A 116 -8.79 -3.21 -0.79
N GLN A 117 -7.76 -2.81 -1.53
CA GLN A 117 -6.55 -2.27 -0.90
C GLN A 117 -6.85 -0.94 -0.20
N ASP A 118 -7.76 -0.15 -0.80
CA ASP A 118 -8.24 1.08 -0.20
C ASP A 118 -8.80 0.84 1.21
N VAL A 119 -9.58 -0.25 1.36
CA VAL A 119 -10.09 -0.69 2.65
C VAL A 119 -8.93 -1.12 3.55
N PHE A 120 -7.98 -1.87 2.98
CA PHE A 120 -6.86 -2.35 3.78
C PHE A 120 -6.05 -1.18 4.36
N GLU A 121 -5.50 -0.33 3.49
CA GLU A 121 -4.62 0.76 3.90
C GLU A 121 -5.27 1.67 4.95
N PHE A 122 -6.59 1.91 4.86
CA PHE A 122 -7.20 2.85 5.79
C PHE A 122 -7.29 2.28 7.20
N ARG A 123 -7.94 1.12 7.36
CA ARG A 123 -8.10 0.49 8.66
C ARG A 123 -6.72 0.13 9.24
N TYR A 124 -5.74 -0.12 8.36
CA TYR A 124 -4.40 -0.44 8.82
C TYR A 124 -3.69 0.79 9.38
N ALA A 125 -3.99 1.96 8.81
CA ALA A 125 -3.48 3.25 9.27
C ALA A 125 -4.04 3.63 10.63
N LYS A 126 -5.28 3.20 10.91
CA LYS A 126 -5.97 3.52 12.16
C LYS A 126 -5.58 2.53 13.25
N MET A 127 -4.44 1.87 13.08
CA MET A 127 -3.97 0.92 14.08
C MET A 127 -3.36 1.64 15.28
N PRO A 128 -3.61 1.16 16.52
CA PRO A 128 -3.09 1.77 17.76
C PRO A 128 -1.63 2.29 17.75
N GLY B 18 15.79 -6.59 -10.21
CA GLY B 18 16.93 -7.47 -9.86
C GLY B 18 17.84 -6.87 -8.79
N SER B 19 18.83 -6.08 -9.23
CA SER B 19 19.82 -5.49 -8.34
C SER B 19 19.51 -4.02 -8.09
N HIS B 20 20.09 -3.53 -6.98
CA HIS B 20 19.73 -2.28 -6.32
C HIS B 20 19.84 -1.10 -7.28
N SER B 21 20.91 -1.09 -8.08
CA SER B 21 21.14 0.00 -9.01
C SER B 21 19.93 0.21 -9.93
N GLU B 22 19.49 -0.86 -10.59
CA GLU B 22 18.46 -0.80 -11.63
C GLU B 22 17.10 -0.46 -11.02
N GLN B 23 16.77 -1.15 -9.93
CA GLN B 23 15.60 -0.93 -9.09
C GLN B 23 15.42 0.56 -8.75
N LEU B 24 16.47 1.19 -8.20
CA LEU B 24 16.41 2.57 -7.74
C LEU B 24 16.15 3.54 -8.90
N LYS B 25 16.80 3.27 -10.05
CA LYS B 25 16.52 3.95 -11.29
C LYS B 25 15.01 3.92 -11.54
N HIS B 26 14.42 2.72 -11.49
CA HIS B 26 12.98 2.56 -11.64
C HIS B 26 12.22 3.34 -10.56
N CYS B 27 12.75 3.41 -9.33
CA CYS B 27 12.03 4.05 -8.24
C CYS B 27 11.95 5.55 -8.51
N ASN B 28 13.06 6.10 -9.00
CA ASN B 28 13.13 7.50 -9.34
C ASN B 28 12.10 7.86 -10.41
N GLY B 29 11.96 6.96 -11.40
CA GLY B 29 10.97 7.17 -12.44
C GLY B 29 9.55 7.19 -11.86
N ILE B 30 9.31 6.35 -10.84
CA ILE B 30 8.06 6.34 -10.09
C ILE B 30 7.81 7.73 -9.50
N LEU B 31 8.78 8.20 -8.70
CA LEU B 31 8.80 9.51 -8.05
C LEU B 31 8.48 10.62 -9.06
N LYS B 32 9.23 10.66 -10.16
CA LYS B 32 9.03 11.58 -11.26
C LYS B 32 7.55 11.60 -11.65
N GLU B 33 6.97 10.40 -11.83
CA GLU B 33 5.58 10.30 -12.25
C GLU B 33 4.63 10.88 -11.21
N LEU B 34 4.90 10.62 -9.90
CA LEU B 34 4.08 11.11 -8.80
C LEU B 34 4.17 12.64 -8.72
N LEU B 35 5.24 13.21 -9.28
CA LEU B 35 5.45 14.65 -9.21
C LEU B 35 5.01 15.33 -10.50
N SER B 36 4.60 14.56 -11.50
CA SER B 36 4.36 15.18 -12.79
C SER B 36 3.02 15.90 -12.79
N LYS B 37 2.81 16.73 -13.83
CA LYS B 37 1.67 17.61 -13.94
C LYS B 37 0.39 16.79 -13.99
N LYS B 38 0.54 15.54 -14.43
CA LYS B 38 -0.55 14.65 -14.80
C LYS B 38 -1.39 14.39 -13.56
N HIS B 39 -0.73 14.22 -12.41
CA HIS B 39 -1.37 13.79 -11.19
C HIS B 39 -1.61 14.99 -10.25
N ALA B 40 -1.35 16.21 -10.73
CA ALA B 40 -1.18 17.40 -9.89
C ALA B 40 -2.40 17.72 -9.02
N ALA B 41 -3.60 17.41 -9.50
CA ALA B 41 -4.84 17.84 -8.85
C ALA B 41 -5.20 16.93 -7.68
N TYR B 42 -4.48 15.81 -7.50
CA TYR B 42 -4.59 15.08 -6.24
C TYR B 42 -3.23 14.99 -5.53
N ALA B 43 -2.14 15.23 -6.25
CA ALA B 43 -0.79 15.04 -5.72
C ALA B 43 -0.39 16.20 -4.81
N TRP B 44 -0.94 17.39 -5.09
CA TRP B 44 -0.42 18.64 -4.57
C TRP B 44 -0.33 18.71 -3.04
N PRO B 45 -1.19 18.02 -2.24
CA PRO B 45 -1.03 18.03 -0.79
C PRO B 45 0.25 17.39 -0.25
N PHE B 46 0.98 16.65 -1.12
CA PHE B 46 2.08 15.81 -0.64
C PHE B 46 3.43 16.34 -1.13
N TYR B 47 3.39 17.45 -1.87
CA TYR B 47 4.57 18.07 -2.48
C TYR B 47 5.53 18.49 -1.39
N LYS B 48 4.96 18.98 -0.28
CA LYS B 48 5.73 19.59 0.80
C LYS B 48 5.32 18.99 2.13
N PRO B 49 6.15 19.15 3.19
CA PRO B 49 5.78 18.67 4.51
C PRO B 49 4.51 19.34 5.02
N VAL B 50 3.66 18.54 5.67
CA VAL B 50 2.44 19.01 6.28
C VAL B 50 2.81 20.14 7.24
N ASP B 51 2.32 21.35 6.91
CA ASP B 51 2.43 22.52 7.76
C ASP B 51 1.27 22.47 8.76
N ALA B 52 1.49 21.76 9.88
CA ALA B 52 0.46 21.62 10.90
C ALA B 52 -0.04 22.98 11.39
N SER B 53 0.90 23.89 11.72
CA SER B 53 0.57 25.20 12.27
C SER B 53 -0.48 25.86 11.38
N ALA B 54 -0.14 25.93 10.07
CA ALA B 54 -0.78 26.78 9.10
C ALA B 54 -2.16 26.24 8.74
N LEU B 55 -2.29 24.92 8.66
CA LEU B 55 -3.56 24.29 8.31
C LEU B 55 -4.42 24.11 9.55
N GLY B 56 -3.85 24.37 10.72
CA GLY B 56 -4.59 24.23 11.96
C GLY B 56 -5.00 22.78 12.15
N LEU B 57 -3.98 21.91 12.11
CA LEU B 57 -4.10 20.49 12.42
C LEU B 57 -3.63 20.27 13.85
N HIS B 58 -4.62 20.35 14.76
CA HIS B 58 -4.45 20.00 16.16
C HIS B 58 -3.80 18.64 16.32
N ASP B 59 -2.73 18.63 17.11
CA ASP B 59 -2.09 17.42 17.63
C ASP B 59 -1.46 16.60 16.52
N TYR B 60 -1.22 17.21 15.35
CA TYR B 60 -0.73 16.46 14.21
C TYR B 60 0.58 15.77 14.57
N HIS B 61 1.50 16.53 15.19
CA HIS B 61 2.84 16.05 15.57
C HIS B 61 2.77 15.07 16.74
N ASP B 62 1.68 15.09 17.53
CA ASP B 62 1.40 14.06 18.52
C ASP B 62 1.12 12.76 17.79
N ILE B 63 0.15 12.83 16.87
CA ILE B 63 -0.48 11.68 16.25
C ILE B 63 0.49 11.04 15.27
N ILE B 64 1.21 11.88 14.52
CA ILE B 64 2.09 11.44 13.45
C ILE B 64 3.55 11.50 13.89
N LYS B 65 4.11 10.33 14.19
CA LYS B 65 5.46 10.25 14.71
C LYS B 65 6.46 10.57 13.60
N HIS B 66 6.20 10.01 12.41
CA HIS B 66 7.16 10.11 11.33
C HIS B 66 6.52 10.83 10.15
N PRO B 67 6.72 12.17 10.00
CA PRO B 67 6.15 12.88 8.85
C PRO B 67 6.90 12.45 7.62
N MET B 68 6.22 12.43 6.47
CA MET B 68 6.86 12.11 5.21
C MET B 68 6.10 12.80 4.10
N ASP B 69 6.86 13.29 3.13
CA ASP B 69 6.27 13.89 1.95
C ASP B 69 7.19 13.60 0.78
N LEU B 70 6.81 14.10 -0.40
CA LEU B 70 7.50 13.73 -1.64
C LEU B 70 8.79 14.54 -1.76
N SER B 71 8.87 15.69 -1.10
CA SER B 71 10.10 16.47 -1.08
C SER B 71 11.18 15.75 -0.27
N THR B 72 10.76 15.09 0.81
CA THR B 72 11.67 14.32 1.66
C THR B 72 12.16 13.08 0.91
N VAL B 73 11.23 12.40 0.22
CA VAL B 73 11.56 11.27 -0.64
C VAL B 73 12.47 11.75 -1.78
N LYS B 74 12.12 12.89 -2.40
CA LYS B 74 12.91 13.37 -3.53
C LYS B 74 14.34 13.62 -3.07
N ARG B 75 14.47 14.31 -1.92
CA ARG B 75 15.76 14.66 -1.38
C ARG B 75 16.64 13.43 -1.17
N LYS B 76 16.07 12.38 -0.55
CA LYS B 76 16.83 11.15 -0.26
C LYS B 76 17.24 10.47 -1.56
N MET B 77 16.42 10.58 -2.61
CA MET B 77 16.74 9.96 -3.89
C MET B 77 17.89 10.72 -4.56
N GLU B 78 17.79 12.06 -4.65
CA GLU B 78 18.87 12.90 -5.17
C GLU B 78 20.17 12.59 -4.42
N ASN B 79 20.06 12.43 -3.10
CA ASN B 79 21.23 12.22 -2.25
C ASN B 79 21.67 10.76 -2.24
N ARG B 80 20.95 9.88 -2.94
CA ARG B 80 21.20 8.44 -2.99
C ARG B 80 21.16 7.82 -1.59
N ASP B 81 20.12 8.16 -0.81
CA ASP B 81 20.05 7.73 0.59
C ASP B 81 19.22 6.46 0.73
N TYR B 82 18.54 6.03 -0.34
CA TYR B 82 17.79 4.78 -0.31
C TYR B 82 18.71 3.62 -0.69
N ARG B 83 18.84 2.63 0.19
CA ARG B 83 19.76 1.53 -0.02
C ARG B 83 19.17 0.50 -0.99
N ASP B 84 17.83 0.43 -1.05
CA ASP B 84 17.12 -0.53 -1.88
C ASP B 84 15.71 -0.01 -2.12
N ALA B 85 14.94 -0.73 -2.96
CA ALA B 85 13.62 -0.33 -3.40
C ALA B 85 12.61 -0.36 -2.26
N GLN B 86 12.75 -1.34 -1.36
CA GLN B 86 11.88 -1.43 -0.20
C GLN B 86 11.86 -0.09 0.53
N GLU B 87 13.06 0.49 0.75
CA GLU B 87 13.22 1.69 1.55
C GLU B 87 12.46 2.87 0.94
N PHE B 88 12.40 2.91 -0.39
CA PHE B 88 11.58 3.88 -1.10
C PHE B 88 10.09 3.60 -0.82
N ALA B 89 9.69 2.34 -0.92
CA ALA B 89 8.30 1.93 -0.72
C ALA B 89 7.88 2.30 0.70
N ALA B 90 8.80 2.13 1.64
CA ALA B 90 8.40 2.24 3.02
C ALA B 90 8.07 3.70 3.34
N ASP B 91 8.81 4.64 2.70
CA ASP B 91 8.65 6.08 2.87
C ASP B 91 7.35 6.55 2.18
N VAL B 92 7.14 6.07 0.95
CA VAL B 92 5.97 6.49 0.20
C VAL B 92 4.69 5.99 0.90
N ARG B 93 4.72 4.73 1.36
CA ARG B 93 3.57 4.20 2.09
C ARG B 93 3.38 4.95 3.41
N LEU B 94 4.50 5.28 4.07
CA LEU B 94 4.38 6.01 5.31
C LEU B 94 3.66 7.33 5.07
N MET B 95 3.97 7.98 3.93
CA MET B 95 3.39 9.29 3.62
C MET B 95 1.87 9.15 3.49
N PHE B 96 1.43 8.13 2.74
CA PHE B 96 0.01 7.82 2.64
C PHE B 96 -0.58 7.43 3.99
N SER B 97 0.13 6.58 4.75
CA SER B 97 -0.38 6.10 6.03
C SER B 97 -0.66 7.24 7.02
N ASN B 98 0.24 8.23 7.11
CA ASN B 98 0.05 9.38 7.98
C ASN B 98 -1.25 10.08 7.63
N CYS B 99 -1.54 10.12 6.32
CA CYS B 99 -2.70 10.83 5.84
C CYS B 99 -3.95 10.11 6.32
N TYR B 100 -4.03 8.80 6.07
CA TYR B 100 -5.19 8.01 6.46
C TYR B 100 -5.32 7.93 7.99
N LYS B 101 -4.18 7.96 8.70
CA LYS B 101 -4.16 7.88 10.15
C LYS B 101 -4.77 9.12 10.79
N TYR B 102 -4.31 10.30 10.37
CA TYR B 102 -4.71 11.54 11.02
C TYR B 102 -6.16 11.89 10.68
N ASN B 103 -6.56 11.69 9.42
CA ASN B 103 -7.75 12.30 8.86
C ASN B 103 -8.97 11.39 9.00
N PRO B 104 -10.19 11.95 9.04
CA PRO B 104 -11.41 11.15 8.87
C PRO B 104 -11.48 10.49 7.49
N PRO B 105 -12.12 9.31 7.35
CA PRO B 105 -12.31 8.67 6.05
C PRO B 105 -12.94 9.45 4.88
N ASP B 106 -13.79 10.43 5.18
CA ASP B 106 -14.51 11.14 4.13
C ASP B 106 -13.88 12.51 3.91
N HIS B 107 -12.57 12.60 4.18
CA HIS B 107 -11.85 13.83 3.96
C HIS B 107 -11.37 13.86 2.51
N ASP B 108 -11.47 15.04 1.89
CA ASP B 108 -11.01 15.24 0.52
C ASP B 108 -9.61 14.68 0.35
N VAL B 109 -8.76 14.91 1.35
CA VAL B 109 -7.35 14.60 1.26
C VAL B 109 -7.13 13.09 1.31
N VAL B 110 -8.03 12.39 2.02
CA VAL B 110 -7.97 10.94 2.03
C VAL B 110 -8.28 10.39 0.63
N ALA B 111 -9.22 11.04 -0.07
CA ALA B 111 -9.60 10.60 -1.42
C ALA B 111 -8.44 10.80 -2.39
N MET B 112 -7.67 11.88 -2.18
CA MET B 112 -6.56 12.27 -3.04
C MET B 112 -5.35 11.37 -2.82
N ALA B 113 -5.23 10.85 -1.60
CA ALA B 113 -4.13 10.00 -1.19
C ALA B 113 -4.27 8.65 -1.91
N ARG B 114 -5.51 8.13 -1.92
CA ARG B 114 -5.83 6.85 -2.52
C ARG B 114 -5.60 6.91 -4.02
N LYS B 115 -5.98 8.04 -4.64
CA LYS B 115 -5.82 8.18 -6.09
C LYS B 115 -4.34 8.17 -6.45
N LEU B 116 -3.51 8.80 -5.61
CA LEU B 116 -2.06 8.84 -5.85
C LEU B 116 -1.40 7.50 -5.50
N GLN B 117 -1.96 6.82 -4.49
CA GLN B 117 -1.39 5.57 -4.01
C GLN B 117 -1.59 4.50 -5.08
N ASP B 118 -2.75 4.60 -5.75
CA ASP B 118 -3.08 3.73 -6.85
C ASP B 118 -1.97 3.78 -7.91
N VAL B 119 -1.56 5.01 -8.27
CA VAL B 119 -0.46 5.24 -9.18
C VAL B 119 0.85 4.71 -8.58
N PHE B 120 1.02 4.82 -7.26
CA PHE B 120 2.24 4.28 -6.66
C PHE B 120 2.24 2.75 -6.73
N GLU B 121 1.24 2.12 -6.10
CA GLU B 121 1.23 0.68 -5.91
C GLU B 121 1.41 -0.03 -7.24
N PHE B 122 0.70 0.44 -8.28
CA PHE B 122 0.71 -0.22 -9.57
C PHE B 122 2.12 -0.20 -10.16
N ARG B 123 2.67 1.00 -10.39
CA ARG B 123 3.94 1.11 -11.09
C ARG B 123 5.06 0.46 -10.27
N TYR B 124 4.90 0.41 -8.94
CA TYR B 124 5.86 -0.21 -8.06
C TYR B 124 5.83 -1.72 -8.25
N ALA B 125 4.64 -2.27 -8.53
CA ALA B 125 4.50 -3.70 -8.71
C ALA B 125 5.14 -4.16 -10.01
N LYS B 126 5.28 -3.22 -10.96
CA LYS B 126 5.83 -3.46 -12.29
C LYS B 126 7.34 -3.20 -12.28
N MET B 127 7.98 -3.50 -11.15
CA MET B 127 9.42 -3.29 -11.03
C MET B 127 10.14 -4.59 -11.44
N PRO B 128 11.24 -4.50 -12.23
CA PRO B 128 12.05 -5.68 -12.58
C PRO B 128 12.72 -6.40 -11.40
#